data_5Q0K
#
_entry.id   5Q0K
#
_cell.length_a   93.520
_cell.length_b   93.520
_cell.length_c   47.830
_cell.angle_alpha   90.000
_cell.angle_beta   90.000
_cell.angle_gamma   120.000
#
_symmetry.space_group_name_H-M   'P 65'
#
loop_
_entity.id
_entity.type
_entity.pdbx_description
1 polymer 'Bile acid receptor'
2 polymer 'COACTIVATOR PEPTIDE SRC-1 HD3'
3 water water
#
loop_
_entity_poly.entity_id
_entity_poly.type
_entity_poly.pdbx_seq_one_letter_code
_entity_poly.pdbx_strand_id
1 'polypeptide(L)'
;GSHMELTPDQQTLLHFIMDSYNKQRMPQEITNKILKEAFSAEENFLILTEMATNHVQVLVEFTKKLPGFQTLDHEDQIAL
LKGSAVEAMFLRSAEIFNKKLPSGHSDLLEARIRNSGISDEYITPMFSFYKSIGELKMTQEEYALLTAIVILSPDRQYIK
DREAVEKLQEPLLDVLQKLCKIHQPENPQHFACLLGRLTELRTFNHHHAEMLMSWRVNDHKFTPLLCEIWDVQ
;
A
2 'polypeptide(L)' KDHQLLRYLLDKDE B
#
# COMPACT_ATOMS: atom_id res chain seq x y z
N MET A 4 14.89 5.46 -26.28
CA MET A 4 13.76 4.98 -25.49
C MET A 4 13.21 6.05 -24.54
N GLU A 5 11.97 6.50 -24.79
CA GLU A 5 11.29 7.52 -23.98
C GLU A 5 9.80 7.24 -23.84
N LEU A 6 9.18 7.85 -22.81
CA LEU A 6 7.74 7.79 -22.58
C LEU A 6 7.13 8.75 -23.59
N THR A 7 5.93 8.45 -24.09
CA THR A 7 5.24 9.32 -25.05
C THR A 7 4.68 10.53 -24.26
N PRO A 8 4.31 11.68 -24.88
CA PRO A 8 3.74 12.77 -24.05
C PRO A 8 2.54 12.33 -23.20
N ASP A 9 1.77 11.33 -23.67
CA ASP A 9 0.60 10.78 -22.98
C ASP A 9 0.95 9.96 -21.74
N GLN A 10 2.04 9.18 -21.82
CA GLN A 10 2.55 8.36 -20.74
C GLN A 10 3.21 9.26 -19.71
N GLN A 11 3.84 10.35 -20.19
CA GLN A 11 4.47 11.35 -19.33
C GLN A 11 3.41 12.01 -18.47
N THR A 12 2.24 12.31 -19.06
CA THR A 12 1.11 12.95 -18.37
C THR A 12 0.52 12.02 -17.33
N LEU A 13 0.22 10.77 -17.73
CA LEU A 13 -0.34 9.76 -16.85
C LEU A 13 0.61 9.60 -15.66
N LEU A 14 1.93 9.42 -15.90
CA LEU A 14 2.94 9.30 -14.83
C LEU A 14 3.01 10.52 -13.94
N HIS A 15 2.89 11.72 -14.51
CA HIS A 15 2.93 12.93 -13.71
C HIS A 15 1.77 13.01 -12.72
N PHE A 16 0.54 12.62 -13.14
CA PHE A 16 -0.61 12.65 -12.23
C PHE A 16 -0.44 11.68 -11.05
N ILE A 17 0.14 10.50 -11.32
CA ILE A 17 0.45 9.45 -10.34
C ILE A 17 1.52 9.99 -9.35
N MET A 18 2.66 10.50 -9.87
CA MET A 18 3.74 11.05 -9.04
C MET A 18 3.28 12.18 -8.15
N ASP A 19 2.36 13.03 -8.63
CA ASP A 19 1.84 14.17 -7.88
C ASP A 19 1.06 13.73 -6.65
N SER A 20 0.04 12.84 -6.85
CA SER A 20 -0.78 12.30 -5.76
C SER A 20 0.12 11.53 -4.81
N TYR A 21 1.11 10.80 -5.35
CA TYR A 21 2.02 10.01 -4.52
C TYR A 21 2.92 10.83 -3.61
N ASN A 22 3.53 11.91 -4.15
CA ASN A 22 4.44 12.79 -3.40
C ASN A 22 3.74 13.65 -2.34
N LYS A 23 2.39 13.76 -2.39
CA LYS A 23 1.61 14.52 -1.41
C LYS A 23 1.63 13.82 -0.04
N GLN A 24 1.51 12.47 -0.05
CA GLN A 24 1.51 11.58 1.10
C GLN A 24 2.68 11.80 2.06
N ARG A 25 2.39 11.83 3.36
CA ARG A 25 3.37 12.00 4.42
C ARG A 25 2.80 11.46 5.72
N MET A 26 3.61 10.67 6.45
CA MET A 26 3.27 10.14 7.76
C MET A 26 3.43 11.31 8.75
N PRO A 27 2.38 11.62 9.56
CA PRO A 27 2.50 12.76 10.48
C PRO A 27 3.60 12.62 11.53
N GLN A 28 4.18 13.75 11.92
CA GLN A 28 5.23 13.85 12.94
C GLN A 28 4.78 13.26 14.29
N GLU A 29 3.48 13.41 14.63
CA GLU A 29 2.85 12.92 15.87
C GLU A 29 2.97 11.42 16.01
N ILE A 30 2.92 10.69 14.88
CA ILE A 30 3.06 9.24 14.87
C ILE A 30 4.53 8.91 15.07
N THR A 31 5.42 9.55 14.29
CA THR A 31 6.87 9.42 14.36
C THR A 31 7.40 9.66 15.78
N ASN A 32 6.87 10.69 16.48
CA ASN A 32 7.25 11.02 17.86
C ASN A 32 6.87 9.91 18.84
N LYS A 33 5.73 9.23 18.60
CA LYS A 33 5.25 8.14 19.44
C LYS A 33 6.22 6.96 19.41
N ILE A 34 6.79 6.64 18.22
CA ILE A 34 7.79 5.56 17.99
C ILE A 34 9.00 5.79 18.88
N LEU A 35 9.35 7.06 19.06
CA LEU A 35 10.48 7.53 19.86
C LEU A 35 10.16 7.73 21.35
N LYS A 36 8.93 8.16 21.70
CA LYS A 36 8.62 8.52 23.09
C LYS A 36 7.86 7.52 23.95
N GLU A 37 6.87 6.82 23.40
CA GLU A 37 6.02 5.92 24.16
C GLU A 37 6.75 4.77 24.85
N ALA A 38 6.13 4.22 25.91
CA ALA A 38 6.64 3.09 26.68
C ALA A 38 6.72 1.85 25.78
N PHE A 39 7.74 1.02 26.00
CA PHE A 39 7.96 -0.18 25.21
C PHE A 39 7.22 -1.38 25.82
N SER A 40 5.88 -1.38 25.66
CA SER A 40 5.00 -2.44 26.15
C SER A 40 4.13 -2.86 25.00
N ALA A 41 3.62 -4.12 25.01
CA ALA A 41 2.77 -4.68 23.97
C ALA A 41 1.56 -3.76 23.71
N GLU A 42 0.96 -3.24 24.79
CA GLU A 42 -0.18 -2.33 24.75
C GLU A 42 0.14 -1.08 23.91
N GLU A 43 1.21 -0.34 24.26
CA GLU A 43 1.61 0.87 23.57
C GLU A 43 2.14 0.62 22.17
N ASN A 44 2.92 -0.46 21.98
CA ASN A 44 3.47 -0.81 20.68
C ASN A 44 2.38 -1.15 19.68
N PHE A 45 1.33 -1.88 20.11
CA PHE A 45 0.18 -2.26 19.28
C PHE A 45 -0.63 -1.03 18.89
N LEU A 46 -0.78 -0.06 19.83
CA LEU A 46 -1.50 1.19 19.64
C LEU A 46 -0.83 2.08 18.59
N ILE A 47 0.51 2.11 18.54
CA ILE A 47 1.27 2.88 17.54
C ILE A 47 0.99 2.27 16.15
N LEU A 48 1.10 0.93 16.04
CA LEU A 48 0.82 0.19 14.80
C LEU A 48 -0.62 0.42 14.34
N THR A 49 -1.57 0.49 15.28
CA THR A 49 -2.99 0.78 15.02
C THR A 49 -3.11 2.22 14.47
N GLU A 50 -2.36 3.18 15.05
CA GLU A 50 -2.38 4.57 14.58
C GLU A 50 -1.78 4.66 13.18
N MET A 51 -0.78 3.81 12.87
CA MET A 51 -0.13 3.78 11.56
C MET A 51 -1.04 3.23 10.46
N ALA A 52 -1.78 2.16 10.76
CA ALA A 52 -2.72 1.51 9.85
C ALA A 52 -3.90 2.43 9.53
N THR A 53 -4.41 3.16 10.54
CA THR A 53 -5.50 4.11 10.33
C THR A 53 -5.05 5.25 9.44
N ASN A 54 -3.84 5.80 9.65
CA ASN A 54 -3.32 6.89 8.84
CA ASN A 54 -3.28 6.89 8.85
C ASN A 54 -3.09 6.43 7.40
N HIS A 55 -2.57 5.16 7.21
CA HIS A 55 -2.37 4.65 5.87
CA HIS A 55 -2.37 4.55 5.90
C HIS A 55 -3.69 4.56 5.12
N VAL A 56 -4.79 4.17 5.79
CA VAL A 56 -6.11 4.09 5.14
C VAL A 56 -6.55 5.47 4.60
N GLN A 57 -6.25 6.56 5.35
CA GLN A 57 -6.61 7.90 4.91
C GLN A 57 -5.77 8.35 3.72
N VAL A 58 -4.46 8.08 3.77
CA VAL A 58 -3.47 8.38 2.73
C VAL A 58 -3.85 7.61 1.43
N LEU A 59 -4.17 6.30 1.57
CA LEU A 59 -4.63 5.41 0.50
C LEU A 59 -5.86 5.97 -0.23
N VAL A 60 -6.91 6.37 0.52
CA VAL A 60 -8.10 6.88 -0.18
C VAL A 60 -7.76 8.18 -0.94
N GLU A 61 -6.93 9.08 -0.34
CA GLU A 61 -6.57 10.34 -1.04
C GLU A 61 -5.75 10.05 -2.29
N PHE A 62 -4.82 9.12 -2.21
CA PHE A 62 -4.03 8.76 -3.37
C PHE A 62 -4.92 8.20 -4.46
N THR A 63 -5.79 7.25 -4.11
CA THR A 63 -6.71 6.57 -5.04
C THR A 63 -7.64 7.52 -5.76
N LYS A 64 -8.23 8.48 -5.02
CA LYS A 64 -9.16 9.44 -5.61
C LYS A 64 -8.57 10.22 -6.78
N LYS A 65 -7.24 10.45 -6.77
CA LYS A 65 -6.55 11.23 -7.80
C LYS A 65 -5.96 10.37 -8.94
N LEU A 66 -6.12 9.03 -8.90
CA LEU A 66 -5.64 8.18 -10.01
C LEU A 66 -6.49 8.48 -11.23
N PRO A 67 -5.86 8.75 -12.40
CA PRO A 67 -6.63 9.06 -13.60
C PRO A 67 -7.65 8.00 -13.95
N GLY A 68 -8.90 8.43 -14.13
CA GLY A 68 -10.02 7.56 -14.47
C GLY A 68 -10.68 6.91 -13.27
N PHE A 69 -10.09 6.95 -12.08
CA PHE A 69 -10.74 6.31 -10.92
C PHE A 69 -12.13 6.86 -10.64
N GLN A 70 -12.28 8.20 -10.70
CA GLN A 70 -13.57 8.87 -10.44
C GLN A 70 -14.61 8.54 -11.52
N THR A 71 -14.17 8.03 -12.68
CA THR A 71 -15.05 7.68 -13.80
C THR A 71 -15.63 6.25 -13.70
N LEU A 72 -15.20 5.48 -12.70
CA LEU A 72 -15.69 4.12 -12.48
C LEU A 72 -17.02 4.17 -11.73
N ASP A 73 -17.86 3.12 -11.85
CA ASP A 73 -19.12 2.98 -11.12
C ASP A 73 -18.79 3.13 -9.61
N HIS A 74 -19.61 3.86 -8.85
CA HIS A 74 -19.37 4.16 -7.44
C HIS A 74 -19.12 2.95 -6.51
N GLU A 75 -19.91 1.88 -6.65
CA GLU A 75 -19.73 0.67 -5.85
C GLU A 75 -18.46 -0.10 -6.25
N ASP A 76 -17.97 0.09 -7.48
CA ASP A 76 -16.73 -0.55 -7.94
C ASP A 76 -15.54 0.13 -7.33
N GLN A 77 -15.65 1.45 -7.06
CA GLN A 77 -14.62 2.28 -6.41
C GLN A 77 -14.38 1.78 -4.97
N ILE A 78 -15.47 1.41 -4.28
CA ILE A 78 -15.50 0.88 -2.91
C ILE A 78 -14.89 -0.52 -2.89
N ALA A 79 -15.31 -1.36 -3.84
CA ALA A 79 -14.84 -2.74 -4.03
C ALA A 79 -13.33 -2.79 -4.30
N LEU A 80 -12.79 -1.84 -5.08
CA LEU A 80 -11.35 -1.76 -5.33
C LEU A 80 -10.60 -1.29 -4.12
N LEU A 81 -11.14 -0.29 -3.42
CA LEU A 81 -10.54 0.26 -2.21
C LEU A 81 -10.52 -0.80 -1.13
N LYS A 82 -11.63 -1.53 -0.97
CA LYS A 82 -11.73 -2.60 0.03
C LYS A 82 -10.82 -3.79 -0.36
N GLY A 83 -10.79 -4.15 -1.64
CA GLY A 83 -9.98 -5.27 -2.12
C GLY A 83 -8.49 -5.09 -1.98
N SER A 84 -8.03 -3.82 -2.11
CA SER A 84 -6.62 -3.50 -2.13
C SER A 84 -6.04 -2.91 -0.89
N ALA A 85 -6.88 -2.49 0.09
CA ALA A 85 -6.34 -1.81 1.29
C ALA A 85 -5.18 -2.54 2.00
N VAL A 86 -5.31 -3.85 2.28
CA VAL A 86 -4.26 -4.63 2.98
C VAL A 86 -2.95 -4.64 2.18
N GLU A 87 -3.04 -4.96 0.88
CA GLU A 87 -1.86 -5.00 -0.01
C GLU A 87 -1.23 -3.62 -0.14
N ALA A 88 -2.05 -2.57 -0.33
CA ALA A 88 -1.52 -1.22 -0.47
C ALA A 88 -0.83 -0.72 0.79
N MET A 89 -1.27 -1.19 1.99
CA MET A 89 -0.67 -0.88 3.30
C MET A 89 0.74 -1.43 3.44
N PHE A 90 0.90 -2.75 3.24
CA PHE A 90 2.20 -3.43 3.34
C PHE A 90 3.22 -2.83 2.39
N LEU A 91 2.79 -2.41 1.20
CA LEU A 91 3.66 -1.77 0.20
C LEU A 91 4.15 -0.43 0.68
N ARG A 92 3.27 0.42 1.19
CA ARG A 92 3.63 1.72 1.75
C ARG A 92 4.53 1.53 2.96
N SER A 93 4.16 0.60 3.87
CA SER A 93 4.91 0.31 5.08
C SER A 93 6.34 -0.10 4.77
N ALA A 94 6.55 -0.84 3.65
CA ALA A 94 7.86 -1.26 3.18
C ALA A 94 8.67 -0.04 2.78
N GLU A 95 8.01 0.96 2.16
CA GLU A 95 8.66 2.21 1.77
C GLU A 95 9.07 3.05 2.98
N ILE A 96 8.15 3.23 3.95
CA ILE A 96 8.40 3.98 5.19
C ILE A 96 9.57 3.33 5.96
N PHE A 97 9.52 1.99 6.14
CA PHE A 97 10.54 1.22 6.82
C PHE A 97 11.91 1.29 6.15
N ASN A 98 11.97 1.21 4.81
CA ASN A 98 13.25 1.19 4.09
C ASN A 98 13.78 2.53 3.58
N LYS A 99 12.92 3.57 3.49
CA LYS A 99 13.32 4.85 2.91
C LYS A 99 12.97 6.11 3.69
N LYS A 100 11.73 6.23 4.20
CA LYS A 100 11.27 7.45 4.85
C LYS A 100 11.71 7.62 6.30
N LEU A 101 11.81 6.51 7.05
CA LEU A 101 12.18 6.56 8.46
C LEU A 101 13.68 6.54 8.68
N PRO A 102 14.20 7.41 9.60
CA PRO A 102 15.63 7.35 9.96
C PRO A 102 16.02 5.95 10.45
N SER A 103 17.27 5.52 10.20
CA SER A 103 17.77 4.19 10.57
C SER A 103 17.40 3.74 12.00
N GLY A 104 17.61 4.62 12.99
CA GLY A 104 17.30 4.36 14.39
C GLY A 104 15.81 4.28 14.66
N HIS A 105 15.02 5.11 13.94
CA HIS A 105 13.56 5.14 14.05
C HIS A 105 12.96 3.83 13.56
N SER A 106 13.45 3.32 12.41
CA SER A 106 13.01 2.04 11.85
C SER A 106 13.44 0.90 12.76
N ASP A 107 14.60 1.04 13.43
CA ASP A 107 15.09 0.06 14.40
C ASP A 107 14.17 -0.01 15.60
N LEU A 108 13.67 1.16 16.08
CA LEU A 108 12.73 1.24 17.20
C LEU A 108 11.38 0.72 16.77
N LEU A 109 10.96 1.09 15.54
CA LEU A 109 9.72 0.63 14.95
C LEU A 109 9.73 -0.90 14.88
N GLU A 110 10.80 -1.50 14.33
CA GLU A 110 10.96 -2.96 14.24
C GLU A 110 10.90 -3.59 15.63
N ALA A 111 11.59 -2.98 16.61
CA ALA A 111 11.60 -3.39 18.01
C ALA A 111 10.18 -3.46 18.55
N ARG A 112 9.39 -2.39 18.29
CA ARG A 112 7.97 -2.26 18.67
C ARG A 112 7.12 -3.32 17.95
N ILE A 113 7.36 -3.53 16.65
CA ILE A 113 6.66 -4.52 15.83
C ILE A 113 6.88 -5.94 16.39
N ARG A 114 8.14 -6.28 16.76
CA ARG A 114 8.50 -7.58 17.33
C ARG A 114 8.08 -7.75 18.79
N ASN A 115 7.61 -6.67 19.42
CA ASN A 115 7.13 -6.69 20.79
C ASN A 115 5.76 -6.00 20.89
N SER A 116 4.85 -6.35 19.97
CA SER A 116 3.48 -5.82 19.91
C SER A 116 2.42 -6.92 20.06
N GLY A 117 2.84 -8.07 20.59
CA GLY A 117 1.98 -9.23 20.83
C GLY A 117 1.56 -10.00 19.59
N ILE A 118 2.20 -9.72 18.45
CA ILE A 118 1.91 -10.38 17.19
C ILE A 118 2.82 -11.62 17.04
N SER A 119 2.23 -12.74 16.56
CA SER A 119 2.90 -14.02 16.33
C SER A 119 3.99 -13.89 15.27
N ASP A 120 5.06 -14.69 15.38
CA ASP A 120 6.17 -14.72 14.42
C ASP A 120 5.71 -15.23 13.06
N GLU A 121 4.57 -15.93 13.06
CA GLU A 121 3.88 -16.49 11.90
C GLU A 121 3.62 -15.39 10.87
N TYR A 122 3.32 -14.18 11.37
CA TYR A 122 3.01 -13.00 10.58
C TYR A 122 4.19 -12.04 10.50
N ILE A 123 4.96 -11.93 11.60
CA ILE A 123 6.15 -11.08 11.69
C ILE A 123 7.23 -11.50 10.68
N THR A 124 7.54 -12.81 10.58
CA THR A 124 8.59 -13.33 9.70
C THR A 124 8.35 -13.00 8.20
N PRO A 125 7.18 -13.28 7.57
CA PRO A 125 7.02 -12.90 6.14
C PRO A 125 7.02 -11.39 5.90
N MET A 126 6.60 -10.59 6.89
CA MET A 126 6.57 -9.13 6.84
C MET A 126 7.99 -8.56 6.64
N PHE A 127 8.94 -8.89 7.54
CA PHE A 127 10.32 -8.42 7.44
C PHE A 127 11.05 -9.05 6.26
N SER A 128 10.68 -10.30 5.90
CA SER A 128 11.20 -11.01 4.73
C SER A 128 10.82 -10.22 3.49
N PHE A 129 9.57 -9.74 3.42
CA PHE A 129 9.10 -8.93 2.31
C PHE A 129 9.80 -7.57 2.31
N TYR A 130 10.05 -6.97 3.49
CA TYR A 130 10.74 -5.68 3.58
C TYR A 130 12.14 -5.81 3.00
N LYS A 131 12.86 -6.89 3.35
CA LYS A 131 14.20 -7.15 2.86
C LYS A 131 14.18 -7.39 1.35
N SER A 132 13.21 -8.19 0.86
CA SER A 132 13.03 -8.51 -0.56
C SER A 132 12.78 -7.25 -1.43
N ILE A 133 11.95 -6.32 -0.94
CA ILE A 133 11.61 -5.04 -1.58
C ILE A 133 12.84 -4.09 -1.58
N GLY A 134 13.55 -4.02 -0.44
CA GLY A 134 14.74 -3.19 -0.29
C GLY A 134 15.87 -3.56 -1.23
N GLU A 135 15.95 -4.85 -1.58
CA GLU A 135 16.92 -5.44 -2.51
C GLU A 135 16.78 -4.88 -3.94
N LEU A 136 15.54 -4.54 -4.35
CA LEU A 136 15.25 -4.03 -5.68
C LEU A 136 15.70 -2.59 -5.92
N LYS A 137 15.97 -1.81 -4.84
CA LYS A 137 16.39 -0.40 -4.90
C LYS A 137 15.38 0.33 -5.75
N MET A 138 14.14 0.28 -5.31
CA MET A 138 13.02 0.85 -6.04
C MET A 138 13.00 2.36 -6.04
N THR A 139 12.73 2.96 -7.22
CA THR A 139 12.62 4.40 -7.36
C THR A 139 11.26 4.83 -6.83
N GLN A 140 11.02 6.14 -6.68
CA GLN A 140 9.73 6.68 -6.22
C GLN A 140 8.65 6.40 -7.28
N GLU A 141 9.02 6.44 -8.57
CA GLU A 141 8.11 6.14 -9.69
C GLU A 141 7.66 4.69 -9.67
N GLU A 142 8.56 3.76 -9.33
CA GLU A 142 8.23 2.34 -9.24
C GLU A 142 7.30 2.07 -8.07
N TYR A 143 7.50 2.76 -6.92
CA TYR A 143 6.60 2.62 -5.75
C TYR A 143 5.22 3.13 -6.06
N ALA A 144 5.16 4.30 -6.71
CA ALA A 144 3.91 4.98 -7.12
C ALA A 144 3.16 4.15 -8.15
N LEU A 145 3.83 3.76 -9.26
CA LEU A 145 3.17 2.88 -10.24
C LEU A 145 2.72 1.57 -9.64
N LEU A 146 3.60 0.87 -8.90
CA LEU A 146 3.26 -0.42 -8.27
C LEU A 146 2.08 -0.30 -7.34
N THR A 147 2.00 0.84 -6.61
CA THR A 147 0.84 1.06 -5.72
C THR A 147 -0.46 1.25 -6.52
N ALA A 148 -0.39 1.98 -7.64
CA ALA A 148 -1.55 2.22 -8.47
C ALA A 148 -2.00 0.96 -9.13
N ILE A 149 -1.07 0.14 -9.55
CA ILE A 149 -1.44 -1.17 -10.17
C ILE A 149 -2.06 -2.11 -9.14
N VAL A 150 -1.60 -2.08 -7.87
CA VAL A 150 -2.19 -2.90 -6.81
C VAL A 150 -3.62 -2.43 -6.59
N ILE A 151 -3.85 -1.11 -6.55
CA ILE A 151 -5.19 -0.54 -6.34
C ILE A 151 -6.12 -0.83 -7.50
N LEU A 152 -5.67 -0.62 -8.77
CA LEU A 152 -6.50 -0.78 -9.95
C LEU A 152 -6.50 -2.21 -10.48
N SER A 153 -6.45 -3.19 -9.55
CA SER A 153 -6.46 -4.62 -9.89
CA SER A 153 -6.46 -4.62 -9.88
C SER A 153 -7.87 -5.07 -10.28
N PRO A 154 -8.09 -5.57 -11.53
CA PRO A 154 -9.46 -5.90 -11.91
C PRO A 154 -10.03 -7.23 -11.41
N ASP A 155 -9.25 -8.01 -10.67
CA ASP A 155 -9.76 -9.29 -10.22
C ASP A 155 -10.21 -9.29 -8.75
N ARG A 156 -10.59 -8.12 -8.20
CA ARG A 156 -11.08 -8.10 -6.82
C ARG A 156 -12.50 -8.57 -6.81
N GLN A 157 -12.94 -9.14 -5.70
CA GLN A 157 -14.31 -9.62 -5.58
C GLN A 157 -15.29 -8.46 -5.55
N TYR A 158 -16.53 -8.71 -6.01
CA TYR A 158 -17.68 -7.79 -5.99
C TYR A 158 -17.54 -6.59 -6.98
N ILE A 159 -16.63 -6.68 -7.97
CA ILE A 159 -16.49 -5.64 -9.01
C ILE A 159 -17.50 -6.00 -10.08
N LYS A 160 -18.37 -5.05 -10.45
CA LYS A 160 -19.41 -5.29 -11.47
C LYS A 160 -18.93 -5.07 -12.91
N ASP A 161 -17.96 -4.18 -13.13
CA ASP A 161 -17.41 -3.92 -14.48
C ASP A 161 -15.88 -3.95 -14.41
N ARG A 162 -15.31 -5.09 -14.80
CA ARG A 162 -13.89 -5.37 -14.74
C ARG A 162 -13.09 -4.79 -15.89
N GLU A 163 -13.71 -4.69 -17.09
CA GLU A 163 -13.08 -4.16 -18.30
C GLU A 163 -12.73 -2.69 -18.15
N ALA A 164 -13.59 -1.93 -17.47
CA ALA A 164 -13.40 -0.51 -17.18
C ALA A 164 -12.16 -0.34 -16.29
N VAL A 165 -11.96 -1.24 -15.29
CA VAL A 165 -10.77 -1.23 -14.42
C VAL A 165 -9.54 -1.69 -15.24
N GLU A 166 -9.68 -2.74 -16.07
CA GLU A 166 -8.62 -3.22 -16.96
C GLU A 166 -8.07 -2.10 -17.85
N LYS A 167 -8.98 -1.22 -18.32
CA LYS A 167 -8.66 -0.08 -19.18
C LYS A 167 -7.79 0.95 -18.45
N LEU A 168 -7.90 1.02 -17.12
CA LEU A 168 -7.10 1.94 -16.28
C LEU A 168 -5.77 1.33 -15.81
N GLN A 169 -5.74 0.01 -15.57
CA GLN A 169 -4.56 -0.70 -15.10
C GLN A 169 -3.51 -0.98 -16.16
N GLU A 170 -3.93 -1.38 -17.39
CA GLU A 170 -3.01 -1.74 -18.48
C GLU A 170 -2.06 -0.59 -18.82
N PRO A 171 -2.50 0.68 -19.01
CA PRO A 171 -1.52 1.74 -19.30
C PRO A 171 -0.48 1.96 -18.20
N LEU A 172 -0.75 1.58 -16.94
CA LEU A 172 0.24 1.76 -15.85
C LEU A 172 1.29 0.70 -15.90
N LEU A 173 0.89 -0.55 -16.22
CA LEU A 173 1.85 -1.66 -16.34
C LEU A 173 2.75 -1.36 -17.54
N ASP A 174 2.16 -0.85 -18.64
CA ASP A 174 2.88 -0.43 -19.85
C ASP A 174 3.92 0.65 -19.53
N VAL A 175 3.54 1.67 -18.75
CA VAL A 175 4.42 2.75 -18.30
C VAL A 175 5.57 2.15 -17.43
N LEU A 176 5.22 1.27 -16.46
CA LEU A 176 6.20 0.63 -15.58
C LEU A 176 7.19 -0.19 -16.36
N GLN A 177 6.73 -0.99 -17.32
CA GLN A 177 7.64 -1.83 -18.13
C GLN A 177 8.61 -0.96 -18.96
N LYS A 178 8.13 0.18 -19.48
CA LYS A 178 8.95 1.09 -20.30
C LYS A 178 10.02 1.78 -19.45
N LEU A 179 9.68 2.12 -18.19
CA LEU A 179 10.60 2.72 -17.23
C LEU A 179 11.70 1.73 -16.85
N CYS A 180 11.37 0.41 -16.83
CA CYS A 180 12.37 -0.61 -16.52
C CYS A 180 13.34 -0.69 -17.72
N LYS A 181 12.81 -0.66 -18.96
CA LYS A 181 13.62 -0.69 -20.19
C LYS A 181 14.55 0.54 -20.32
N ILE A 182 14.05 1.72 -19.89
CA ILE A 182 14.77 3.00 -19.94
C ILE A 182 15.88 3.10 -18.88
N HIS A 183 15.55 2.84 -17.61
CA HIS A 183 16.46 3.02 -16.47
C HIS A 183 17.31 1.81 -16.13
N GLN A 184 16.89 0.59 -16.51
CA GLN A 184 17.66 -0.65 -16.28
C GLN A 184 17.83 -1.43 -17.61
N PRO A 185 18.46 -0.87 -18.68
CA PRO A 185 18.57 -1.62 -19.94
C PRO A 185 19.45 -2.86 -19.88
N GLU A 186 20.40 -2.90 -18.94
CA GLU A 186 21.31 -4.04 -18.74
C GLU A 186 20.65 -5.17 -17.95
N ASN A 187 19.52 -4.88 -17.27
CA ASN A 187 18.80 -5.85 -16.42
C ASN A 187 17.43 -6.17 -17.04
N PRO A 188 17.34 -7.08 -18.03
CA PRO A 188 16.04 -7.36 -18.66
C PRO A 188 14.95 -7.97 -17.75
N GLN A 189 15.35 -8.61 -16.64
CA GLN A 189 14.40 -9.23 -15.70
C GLN A 189 13.92 -8.28 -14.59
N HIS A 190 14.27 -6.98 -14.69
CA HIS A 190 13.88 -5.99 -13.68
C HIS A 190 12.39 -5.88 -13.53
N PHE A 191 11.67 -5.93 -14.65
CA PHE A 191 10.21 -5.82 -14.65
C PHE A 191 9.59 -7.04 -13.95
N ALA A 192 10.13 -8.22 -14.26
CA ALA A 192 9.74 -9.52 -13.72
C ALA A 192 9.90 -9.55 -12.21
N CYS A 193 10.92 -8.84 -11.71
CA CYS A 193 11.24 -8.74 -10.29
C CYS A 193 10.18 -7.93 -9.58
N LEU A 194 9.75 -6.84 -10.20
CA LEU A 194 8.70 -5.98 -9.70
C LEU A 194 7.37 -6.73 -9.65
N LEU A 195 7.08 -7.56 -10.66
CA LEU A 195 5.85 -8.39 -10.70
C LEU A 195 5.84 -9.43 -9.56
N GLY A 196 7.02 -9.87 -9.17
CA GLY A 196 7.26 -10.80 -8.08
C GLY A 196 6.75 -10.31 -6.75
N ARG A 197 6.71 -8.97 -6.58
CA ARG A 197 6.23 -8.27 -5.40
C ARG A 197 4.73 -8.21 -5.39
N LEU A 198 4.08 -8.18 -6.59
CA LEU A 198 2.61 -8.16 -6.64
C LEU A 198 2.05 -9.47 -6.09
N THR A 199 2.67 -10.61 -6.46
CA THR A 199 2.27 -11.95 -6.01
C THR A 199 2.54 -12.15 -4.52
N GLU A 200 3.69 -11.65 -4.04
CA GLU A 200 4.09 -11.68 -2.63
C GLU A 200 3.16 -10.81 -1.77
N LEU A 201 2.69 -9.68 -2.31
CA LEU A 201 1.75 -8.82 -1.58
C LEU A 201 0.42 -9.52 -1.35
N ARG A 202 -0.04 -10.33 -2.32
CA ARG A 202 -1.29 -11.09 -2.26
C ARG A 202 -1.34 -12.08 -1.12
N THR A 203 -0.18 -12.69 -0.77
CA THR A 203 -0.09 -13.67 0.32
C THR A 203 -0.44 -13.03 1.65
N PHE A 204 -0.14 -11.73 1.79
CA PHE A 204 -0.44 -10.98 3.00
C PHE A 204 -1.92 -10.83 3.26
N ASN A 205 -2.80 -11.01 2.24
CA ASN A 205 -4.26 -10.96 2.43
C ASN A 205 -4.69 -12.11 3.32
N HIS A 206 -4.11 -13.31 3.11
CA HIS A 206 -4.37 -14.52 3.89
C HIS A 206 -3.71 -14.39 5.26
N HIS A 207 -2.39 -14.08 5.31
CA HIS A 207 -1.64 -13.88 6.55
C HIS A 207 -2.42 -12.91 7.46
N HIS A 208 -2.83 -11.77 6.90
CA HIS A 208 -3.59 -10.74 7.59
C HIS A 208 -4.97 -11.20 8.12
N ALA A 209 -5.74 -11.94 7.31
CA ALA A 209 -7.07 -12.42 7.67
C ALA A 209 -7.06 -13.39 8.85
N GLU A 210 -6.10 -14.34 8.87
CA GLU A 210 -5.95 -15.34 9.94
C GLU A 210 -5.47 -14.70 11.24
N MET A 211 -4.57 -13.70 11.12
CA MET A 211 -3.99 -12.93 12.24
C MET A 211 -5.08 -12.27 13.07
N LEU A 212 -6.08 -11.68 12.40
CA LEU A 212 -7.22 -11.02 13.01
C LEU A 212 -8.14 -11.99 13.76
N MET A 213 -8.14 -13.29 13.36
CA MET A 213 -8.93 -14.33 14.01
C MET A 213 -8.33 -14.75 15.35
N SER A 214 -7.01 -14.47 15.56
CA SER A 214 -6.29 -14.75 16.79
C SER A 214 -6.33 -13.55 17.77
N TRP A 215 -7.30 -12.63 17.56
CA TRP A 215 -7.52 -11.44 18.36
C TRP A 215 -8.78 -11.61 19.22
N ARG A 216 -8.74 -11.08 20.47
CA ARG A 216 -9.85 -11.14 21.43
C ARG A 216 -9.89 -9.89 22.30
N LYS A 221 -6.22 -6.42 21.83
CA LYS A 221 -5.81 -6.33 20.43
C LYS A 221 -6.95 -6.06 19.45
N PHE A 222 -8.22 -6.17 19.91
CA PHE A 222 -9.38 -5.92 19.06
C PHE A 222 -9.56 -4.43 18.75
N THR A 223 -9.46 -4.06 17.45
CA THR A 223 -9.62 -2.70 16.95
C THR A 223 -10.80 -2.67 15.97
N PRO A 224 -12.01 -2.33 16.48
CA PRO A 224 -13.21 -2.36 15.63
C PRO A 224 -13.16 -1.59 14.31
N LEU A 225 -12.50 -0.41 14.26
CA LEU A 225 -12.39 0.41 13.06
C LEU A 225 -11.69 -0.30 11.90
N LEU A 226 -10.50 -0.87 12.18
CA LEU A 226 -9.67 -1.60 11.21
C LEU A 226 -10.31 -2.90 10.73
N CYS A 227 -11.03 -3.62 11.63
CA CYS A 227 -11.71 -4.88 11.30
C CYS A 227 -12.84 -4.65 10.30
N GLU A 228 -13.48 -3.48 10.34
CA GLU A 228 -14.56 -3.08 9.42
C GLU A 228 -14.02 -2.87 8.01
N ILE A 229 -12.79 -2.32 7.92
CA ILE A 229 -12.09 -2.05 6.67
C ILE A 229 -11.57 -3.38 6.08
N TRP A 230 -10.92 -4.20 6.93
CA TRP A 230 -10.25 -5.45 6.58
C TRP A 230 -11.21 -6.61 6.29
N ASP A 231 -12.29 -6.79 7.08
CA ASP A 231 -13.30 -7.84 6.85
C ASP A 231 -14.68 -7.47 7.40
N LYS B 1 -20.35 -4.82 3.28
CA LYS B 1 -21.22 -4.15 2.31
C LYS B 1 -21.47 -2.67 2.65
N ASP B 2 -21.58 -2.32 3.95
CA ASP B 2 -21.83 -0.95 4.39
C ASP B 2 -20.60 -0.05 4.29
N HIS B 3 -19.42 -0.55 4.76
CA HIS B 3 -18.10 0.11 4.74
C HIS B 3 -18.15 1.66 4.85
N GLN B 4 -18.88 2.14 5.87
CA GLN B 4 -19.18 3.54 6.17
C GLN B 4 -17.97 4.49 6.12
N LEU B 5 -16.85 4.14 6.76
CA LEU B 5 -15.65 4.98 6.77
C LEU B 5 -15.06 5.19 5.36
N LEU B 6 -14.92 4.11 4.57
CA LEU B 6 -14.38 4.20 3.20
C LEU B 6 -15.27 5.08 2.33
N ARG B 7 -16.59 4.97 2.54
CA ARG B 7 -17.61 5.76 1.83
C ARG B 7 -17.47 7.23 2.13
N TYR B 8 -17.26 7.59 3.41
CA TYR B 8 -17.09 8.97 3.82
C TYR B 8 -15.80 9.50 3.21
N LEU B 9 -14.69 8.76 3.38
CA LEU B 9 -13.40 9.19 2.87
C LEU B 9 -13.38 9.40 1.37
N LEU B 10 -14.05 8.51 0.61
CA LEU B 10 -14.15 8.65 -0.83
C LEU B 10 -15.00 9.82 -1.27
N ASP B 11 -16.18 9.99 -0.67
CA ASP B 11 -17.14 11.03 -1.06
C ASP B 11 -16.94 12.37 -0.35
N LYS B 12 -15.74 12.62 0.18
CA LYS B 12 -15.41 13.85 0.90
C LYS B 12 -14.70 14.86 -0.01
N ASP B 13 -15.28 16.09 -0.10
CA ASP B 13 -14.84 17.27 -0.86
C ASP B 13 -13.99 16.96 -2.11
#